data_1ZL9
#
_entry.id   1ZL9
#
_cell.length_a   58.960
_cell.length_b   88.272
_cell.length_c   93.596
_cell.angle_alpha   90.00
_cell.angle_beta   90.00
_cell.angle_gamma   90.00
#
_symmetry.space_group_name_H-M   'P 21 21 21'
#
loop_
_entity.id
_entity.type
_entity.pdbx_description
1 polymer 'glutathione S-transferase 5'
2 non-polymer GLUTATHIONE
3 water water
#
_entity_poly.entity_id   1
_entity_poly.type   'polypeptide(L)'
_entity_poly.pdbx_seq_one_letter_code
;MVSYKLTYFNGRGAGEVSRQIFAYAGQQYEDNRVTQEQWPALKETCAAPFGQLPFLEVDGKKLAQSHAIARFLAREFKLN
GKTAWEEAQVNSLADQYKDYSSEARPYFYAVMGFGPGDVETLKKDIFLPAFEKFYGFLVNFLKASGSGFLVGDSLTWIDL
AIAQHSADLIAKGGDFSKFPELKAHAEKIQAIPQIKKWIETRPVTPF
;
_entity_poly.pdbx_strand_id   A,B
#
loop_
_chem_comp.id
_chem_comp.type
_chem_comp.name
_chem_comp.formula
GSH non-polymer GLUTATHIONE 'C10 H17 N3 O6 S'
#
# COMPACT_ATOMS: atom_id res chain seq x y z
N MET A 1 -16.01 -2.00 24.98
CA MET A 1 -15.36 -0.77 25.53
C MET A 1 -13.89 -0.63 24.96
N VAL A 2 -13.75 -0.77 23.63
CA VAL A 2 -12.45 -0.67 22.89
C VAL A 2 -11.89 0.76 22.87
N SER A 3 -10.65 0.94 23.30
CA SER A 3 -10.13 2.30 23.44
C SER A 3 -9.13 2.58 22.28
N TYR A 4 -9.35 3.69 21.57
CA TYR A 4 -8.55 4.08 20.41
C TYR A 4 -7.71 5.29 20.67
N LYS A 5 -6.44 5.22 20.27
CA LYS A 5 -5.49 6.33 20.41
C LYS A 5 -4.66 6.44 19.14
N LEU A 6 -4.70 7.58 18.49
CA LEU A 6 -4.00 7.76 17.24
C LEU A 6 -2.81 8.68 17.52
N THR A 7 -1.63 8.24 17.18
CA THR A 7 -0.44 9.08 17.37
C THR A 7 0.09 9.50 16.04
N TYR A 8 0.11 10.81 15.82
CA TYR A 8 0.67 11.37 14.61
C TYR A 8 1.20 12.78 14.94
N PHE A 9 1.85 13.42 13.99
CA PHE A 9 2.26 14.83 14.10
C PHE A 9 1.06 15.80 14.14
N ASN A 10 1.34 17.01 14.59
CA ASN A 10 0.35 18.06 14.58
C ASN A 10 0.14 18.60 13.18
N GLY A 11 -0.63 17.85 12.40
CA GLY A 11 -0.92 18.21 11.02
C GLY A 11 -1.90 17.18 10.49
N ARG A 12 -2.41 17.46 9.31
CA ARG A 12 -3.36 16.57 8.64
C ARG A 12 -2.63 15.32 8.16
N GLY A 13 -1.83 15.52 7.11
CA GLY A 13 -0.91 14.54 6.59
C GLY A 13 -1.57 13.17 6.43
N ALA A 14 -0.82 12.16 6.83
CA ALA A 14 -1.23 10.76 6.68
C ALA A 14 -2.17 10.26 7.82
N GLY A 15 -2.25 11.00 8.92
CA GLY A 15 -3.17 10.67 9.99
C GLY A 15 -4.60 11.10 9.75
N GLU A 16 -4.78 12.09 8.91
CA GLU A 16 -6.03 12.80 8.81
C GLU A 16 -7.16 11.88 8.40
N VAL A 17 -6.92 10.96 7.49
CA VAL A 17 -8.04 10.13 7.05
C VAL A 17 -8.66 9.28 8.19
N SER A 18 -7.80 8.77 9.06
CA SER A 18 -8.23 8.03 10.24
C SER A 18 -9.04 8.92 11.15
N ARG A 19 -8.59 10.16 11.34
CA ARG A 19 -9.36 11.08 12.16
C ARG A 19 -10.76 11.30 11.57
N GLN A 20 -10.84 11.34 10.26
CA GLN A 20 -12.11 11.60 9.57
C GLN A 20 -13.04 10.37 9.61
N ILE A 21 -12.44 9.19 9.56
CA ILE A 21 -13.21 7.97 9.76
C ILE A 21 -13.83 7.96 11.14
N PHE A 22 -13.02 8.26 12.14
CA PHE A 22 -13.58 8.38 13.48
C PHE A 22 -14.66 9.46 13.59
N ALA A 23 -14.45 10.63 12.97
CA ALA A 23 -15.43 11.68 12.98
C ALA A 23 -16.70 11.21 12.30
N TYR A 24 -16.61 10.60 11.11
CA TYR A 24 -17.80 10.08 10.43
C TYR A 24 -18.61 9.13 11.30
N ALA A 25 -17.91 8.24 11.97
CA ALA A 25 -18.54 7.23 12.78
C ALA A 25 -19.00 7.73 14.09
N GLY A 26 -18.64 8.94 14.48
CA GLY A 26 -18.91 9.38 15.85
C GLY A 26 -18.15 8.67 16.96
N GLN A 27 -16.97 8.14 16.65
CA GLN A 27 -16.23 7.32 17.58
C GLN A 27 -15.25 8.13 18.33
N GLN A 28 -15.33 8.06 19.65
CA GLN A 28 -14.33 8.73 20.50
C GLN A 28 -12.96 8.06 20.36
N TYR A 29 -11.93 8.87 20.37
CA TYR A 29 -10.54 8.44 20.29
C TYR A 29 -9.66 9.51 20.91
N GLU A 30 -8.48 9.12 21.29
CA GLU A 30 -7.48 10.10 21.68
C GLU A 30 -6.66 10.52 20.46
N ASP A 31 -6.73 11.80 20.13
CA ASP A 31 -5.98 12.41 19.02
C ASP A 31 -4.66 12.91 19.57
N ASN A 32 -3.66 12.04 19.58
CA ASN A 32 -2.36 12.31 20.16
C ASN A 32 -1.41 12.87 19.16
N ARG A 33 -1.16 14.16 19.28
CA ARG A 33 -0.38 14.87 18.32
C ARG A 33 1.01 15.14 18.89
N VAL A 34 2.03 14.73 18.14
CA VAL A 34 3.35 14.80 18.70
C VAL A 34 4.10 15.96 18.14
N THR A 35 4.82 16.54 19.12
CA THR A 35 5.60 17.73 18.99
C THR A 35 6.95 17.23 18.54
N GLN A 36 7.61 18.02 17.71
CA GLN A 36 9.07 17.95 17.53
C GLN A 36 9.86 17.58 18.82
N GLU A 37 9.51 18.12 19.98
CA GLU A 37 10.33 17.91 21.22
C GLU A 37 10.16 16.48 21.80
N GLN A 38 8.98 15.92 21.56
CA GLN A 38 8.61 14.57 22.05
C GLN A 38 9.20 13.49 21.13
N TRP A 39 9.27 13.83 19.83
CA TRP A 39 9.41 12.82 18.75
C TRP A 39 10.71 11.93 18.90
N PRO A 40 11.89 12.50 18.60
CA PRO A 40 13.18 11.82 18.90
C PRO A 40 13.14 10.93 20.14
N ALA A 41 12.53 11.49 21.17
CA ALA A 41 12.23 10.71 22.34
C ALA A 41 11.36 9.46 22.28
N LEU A 42 10.20 9.62 21.61
CA LEU A 42 9.28 8.54 21.32
C LEU A 42 9.94 7.58 20.27
N LYS A 43 10.67 8.14 19.34
CA LYS A 43 11.33 7.33 18.35
C LYS A 43 12.38 6.39 18.98
N GLU A 44 13.21 6.96 19.86
CA GLU A 44 14.26 6.26 20.64
C GLU A 44 13.64 5.10 21.38
N THR A 45 12.38 5.29 21.73
CA THR A 45 11.58 4.40 22.58
C THR A 45 11.19 3.02 21.93
N CYS A 46 11.42 2.90 20.62
CA CYS A 46 10.72 1.94 19.77
C CYS A 46 9.24 1.94 20.07
N ALA A 47 8.64 3.10 20.27
CA ALA A 47 7.19 3.07 20.43
C ALA A 47 6.65 2.58 19.07
N ALA A 48 6.99 3.25 17.99
CA ALA A 48 6.35 2.97 16.71
C ALA A 48 6.86 1.64 16.12
N PRO A 49 5.98 0.75 15.70
CA PRO A 49 6.38 -0.53 15.09
C PRO A 49 7.49 -0.43 14.05
N PHE A 50 7.40 0.56 13.17
CA PHE A 50 8.44 0.78 12.18
C PHE A 50 9.16 2.08 12.34
N GLY A 51 9.15 2.61 13.55
CA GLY A 51 9.90 3.84 13.82
C GLY A 51 9.27 5.10 13.25
N GLN A 52 8.03 5.00 12.77
CA GLN A 52 7.43 6.15 12.06
C GLN A 52 5.97 6.35 12.50
N LEU A 53 5.40 7.53 12.21
CA LEU A 53 3.99 7.83 12.46
C LEU A 53 3.27 7.88 11.11
N PRO A 54 1.97 7.65 11.07
CA PRO A 54 1.15 7.34 12.25
C PRO A 54 1.19 5.92 12.78
N PHE A 55 0.76 5.75 14.02
CA PHE A 55 0.37 4.44 14.50
C PHE A 55 -0.84 4.59 15.39
N LEU A 56 -1.63 3.53 15.43
CA LEU A 56 -2.87 3.51 16.16
C LEU A 56 -2.71 2.50 17.28
N GLU A 57 -3.17 2.84 18.45
CA GLU A 57 -3.28 1.86 19.55
C GLU A 57 -4.74 1.45 19.80
N VAL A 58 -4.99 0.14 19.89
CA VAL A 58 -6.33 -0.40 20.05
C VAL A 58 -6.22 -1.24 21.33
N ASP A 59 -6.81 -0.74 22.41
CA ASP A 59 -6.57 -1.28 23.74
C ASP A 59 -5.10 -1.53 23.98
N GLY A 60 -4.28 -0.53 23.71
CA GLY A 60 -2.84 -0.64 23.90
C GLY A 60 -2.01 -1.36 22.84
N LYS A 61 -2.64 -2.11 21.94
CA LYS A 61 -1.93 -2.88 20.87
C LYS A 61 -1.66 -1.96 19.65
N LYS A 62 -0.44 -2.00 19.13
CA LYS A 62 -0.01 -1.02 18.13
C LYS A 62 -0.28 -1.51 16.70
N LEU A 63 -0.68 -0.57 15.83
CA LEU A 63 -0.83 -0.83 14.41
C LEU A 63 -0.27 0.36 13.66
N ALA A 64 0.74 0.11 12.84
CA ALA A 64 1.38 1.11 12.01
C ALA A 64 0.86 1.06 10.58
N GLN A 65 1.33 2.05 9.81
CA GLN A 65 1.08 2.23 8.36
C GLN A 65 -0.28 2.87 8.04
N SER A 66 -0.23 4.10 7.53
CA SER A 66 -1.41 4.92 7.34
C SER A 66 -2.56 4.22 6.65
N HIS A 67 -2.29 3.47 5.57
CA HIS A 67 -3.31 2.76 4.82
C HIS A 67 -3.83 1.55 5.62
N ALA A 68 -2.92 0.87 6.36
CA ALA A 68 -3.37 -0.28 7.14
C ALA A 68 -4.30 0.15 8.25
N ILE A 69 -4.00 1.28 8.92
CA ILE A 69 -4.87 1.86 9.87
C ILE A 69 -6.21 2.27 9.29
N ALA A 70 -6.22 3.03 8.20
CA ALA A 70 -7.45 3.54 7.61
C ALA A 70 -8.34 2.34 7.21
N ARG A 71 -7.70 1.32 6.64
CA ARG A 71 -8.45 0.13 6.19
C ARG A 71 -9.04 -0.63 7.39
N PHE A 72 -8.29 -0.76 8.46
CA PHE A 72 -8.75 -1.47 9.63
C PHE A 72 -9.95 -0.73 10.22
N LEU A 73 -9.79 0.59 10.35
CA LEU A 73 -10.88 1.38 10.91
C LEU A 73 -12.09 1.42 9.97
N ALA A 74 -11.85 1.60 8.68
CA ALA A 74 -12.94 1.65 7.72
C ALA A 74 -13.75 0.34 7.75
N ARG A 75 -13.08 -0.81 7.85
CA ARG A 75 -13.80 -2.06 7.90
C ARG A 75 -14.65 -2.21 9.16
N GLU A 76 -14.16 -1.69 10.29
CA GLU A 76 -14.93 -1.77 11.57
C GLU A 76 -16.19 -0.88 11.42
N PHE A 77 -16.09 0.21 10.68
CA PHE A 77 -17.21 1.14 10.52
C PHE A 77 -17.97 1.03 9.19
N LYS A 78 -17.72 -0.04 8.42
CA LYS A 78 -18.36 -0.20 7.09
C LYS A 78 -18.15 0.96 6.07
N LEU A 79 -16.90 1.46 6.03
CA LEU A 79 -16.48 2.51 5.13
C LEU A 79 -15.39 2.04 4.19
N ASN A 80 -15.23 0.72 4.06
CA ASN A 80 -14.22 0.16 3.18
C ASN A 80 -14.77 -0.40 1.86
N GLY A 81 -16.07 -0.28 1.60
CA GLY A 81 -16.71 -0.96 0.52
C GLY A 81 -17.84 -1.85 1.08
N LYS A 82 -18.92 -1.94 0.32
CA LYS A 82 -20.14 -2.68 0.74
C LYS A 82 -20.08 -4.16 0.34
N THR A 83 -19.13 -4.54 -0.49
CA THR A 83 -18.97 -5.94 -0.93
C THR A 83 -17.47 -6.18 -1.01
N ALA A 84 -17.06 -7.42 -1.02
CA ALA A 84 -15.65 -7.77 -1.15
C ALA A 84 -15.03 -7.16 -2.38
N TRP A 85 -15.77 -7.05 -3.48
CA TRP A 85 -15.24 -6.45 -4.69
C TRP A 85 -15.04 -4.90 -4.54
N GLU A 86 -15.98 -4.22 -3.90
CA GLU A 86 -15.82 -2.79 -3.63
C GLU A 86 -14.59 -2.55 -2.71
N GLU A 87 -14.39 -3.39 -1.71
CA GLU A 87 -13.25 -3.25 -0.79
C GLU A 87 -11.94 -3.37 -1.56
N ALA A 88 -11.87 -4.29 -2.51
CA ALA A 88 -10.69 -4.45 -3.38
C ALA A 88 -10.48 -3.24 -4.24
N GLN A 89 -11.56 -2.73 -4.83
CA GLN A 89 -11.45 -1.53 -5.68
C GLN A 89 -11.00 -0.28 -4.87
N VAL A 90 -11.60 -0.08 -3.70
CA VAL A 90 -11.10 0.93 -2.79
C VAL A 90 -9.58 0.73 -2.56
N ASN A 91 -9.14 -0.51 -2.30
CA ASN A 91 -7.76 -0.84 -2.11
C ASN A 91 -6.93 -0.48 -3.36
N SER A 92 -7.46 -0.78 -4.56
CA SER A 92 -6.73 -0.56 -5.78
C SER A 92 -6.49 0.97 -5.95
N LEU A 93 -7.53 1.76 -5.76
CA LEU A 93 -7.38 3.22 -5.94
C LEU A 93 -6.49 3.84 -4.90
N ALA A 94 -6.57 3.32 -3.68
CA ALA A 94 -5.80 3.87 -2.55
C ALA A 94 -4.31 3.57 -2.82
N ASP A 95 -4.03 2.42 -3.38
CA ASP A 95 -2.66 2.06 -3.77
C ASP A 95 -2.16 2.88 -4.94
N GLN A 96 -3.04 3.20 -5.90
CA GLN A 96 -2.62 4.09 -6.97
C GLN A 96 -2.35 5.49 -6.40
N TYR A 97 -3.13 5.90 -5.41
CA TYR A 97 -2.91 7.14 -4.68
C TYR A 97 -1.53 7.18 -3.98
N LYS A 98 -1.12 6.09 -3.37
CA LYS A 98 0.25 5.97 -2.89
C LYS A 98 1.29 6.16 -3.96
N ASP A 99 1.10 5.55 -5.15
CA ASP A 99 2.02 5.75 -6.28
C ASP A 99 2.09 7.23 -6.71
N TYR A 100 0.95 7.91 -6.80
CA TYR A 100 0.90 9.31 -7.10
C TYR A 100 1.68 10.07 -6.06
N SER A 101 1.40 9.78 -4.79
CA SER A 101 2.05 10.51 -3.71
C SER A 101 3.56 10.31 -3.76
N SER A 102 4.01 9.12 -4.19
CA SER A 102 5.44 8.86 -4.33
C SER A 102 6.02 9.65 -5.47
N GLU A 103 5.29 9.78 -6.56
CA GLU A 103 5.80 10.53 -7.69
C GLU A 103 5.88 12.01 -7.35
N ALA A 104 4.86 12.51 -6.63
CA ALA A 104 4.82 13.92 -6.29
C ALA A 104 5.68 14.33 -5.13
N ARG A 105 6.22 13.36 -4.41
CA ARG A 105 6.89 13.63 -3.15
C ARG A 105 8.00 14.74 -3.22
N PRO A 106 8.88 14.75 -4.24
CA PRO A 106 9.95 15.79 -4.35
C PRO A 106 9.37 17.24 -4.26
N TYR A 107 8.26 17.47 -4.92
CA TYR A 107 7.53 18.74 -4.87
C TYR A 107 6.92 18.99 -3.51
N PHE A 108 6.21 18.01 -2.95
CA PHE A 108 5.56 18.21 -1.65
C PHE A 108 6.60 18.52 -0.57
N TYR A 109 7.68 17.76 -0.60
CA TYR A 109 8.79 17.96 0.33
C TYR A 109 9.47 19.31 0.22
N ALA A 110 9.56 19.83 -1.00
CA ALA A 110 10.17 21.14 -1.18
C ALA A 110 9.27 22.24 -0.62
N VAL A 111 7.98 22.15 -0.89
CA VAL A 111 7.03 23.12 -0.36
C VAL A 111 6.99 23.10 1.20
N MET A 112 7.04 21.90 1.76
CA MET A 112 7.05 21.76 3.20
C MET A 112 8.36 22.14 3.86
N GLY A 113 9.44 22.34 3.07
CA GLY A 113 10.76 22.68 3.56
C GLY A 113 11.63 21.49 3.93
N PHE A 114 11.22 20.29 3.58
CA PHE A 114 11.99 19.10 3.90
C PHE A 114 12.96 18.72 2.80
N GLY A 115 12.81 19.22 1.60
CA GLY A 115 13.70 18.73 0.59
C GLY A 115 14.21 19.80 -0.27
N PRO A 116 15.24 19.45 -1.04
CA PRO A 116 15.90 20.40 -1.90
C PRO A 116 15.10 20.63 -3.17
N GLY A 117 15.47 21.69 -3.85
CA GLY A 117 15.07 21.92 -5.23
C GLY A 117 14.18 23.12 -5.33
N ASP A 118 14.03 23.60 -6.55
CA ASP A 118 13.28 24.80 -6.82
C ASP A 118 11.80 24.45 -6.95
N VAL A 119 10.96 25.12 -6.15
CA VAL A 119 9.55 24.79 -6.06
C VAL A 119 8.90 24.97 -7.41
N GLU A 120 9.11 26.09 -8.07
CA GLU A 120 8.50 26.36 -9.36
C GLU A 120 8.84 25.30 -10.41
N THR A 121 10.06 24.90 -10.43
CA THR A 121 10.53 23.88 -11.35
C THR A 121 9.96 22.51 -11.04
N LEU A 122 9.99 22.14 -9.77
CA LEU A 122 9.41 20.90 -9.34
C LEU A 122 7.93 20.91 -9.57
N LYS A 123 7.25 22.03 -9.39
CA LYS A 123 5.81 22.05 -9.63
C LYS A 123 5.50 21.57 -11.09
N LYS A 124 6.23 22.14 -12.07
CA LYS A 124 5.87 21.88 -13.45
C LYS A 124 6.49 20.59 -14.01
N ASP A 125 7.69 20.28 -13.59
CA ASP A 125 8.38 19.12 -14.10
C ASP A 125 7.98 17.82 -13.41
N ILE A 126 7.62 17.89 -12.13
CA ILE A 126 7.32 16.65 -11.39
C ILE A 126 5.85 16.56 -10.94
N PHE A 127 5.38 17.60 -10.28
CA PHE A 127 4.08 17.50 -9.65
C PHE A 127 2.97 17.46 -10.72
N LEU A 128 2.94 18.40 -11.65
CA LEU A 128 1.77 18.53 -12.51
C LEU A 128 1.56 17.32 -13.41
N PRO A 129 2.60 16.74 -13.97
CA PRO A 129 2.42 15.48 -14.68
C PRO A 129 1.84 14.36 -13.78
N ALA A 130 2.31 14.26 -12.55
CA ALA A 130 1.77 13.23 -11.64
C ALA A 130 0.27 13.41 -11.33
N PHE A 131 -0.04 14.63 -11.01
CA PHE A 131 -1.36 15.09 -10.65
C PHE A 131 -2.30 14.85 -11.80
N GLU A 132 -1.90 15.22 -13.00
CA GLU A 132 -2.79 15.10 -14.17
C GLU A 132 -3.03 13.61 -14.53
N LYS A 133 -2.01 12.79 -14.37
CA LYS A 133 -2.20 11.37 -14.62
C LYS A 133 -3.18 10.75 -13.60
N PHE A 134 -2.97 11.04 -12.32
CA PHE A 134 -3.71 10.39 -11.30
C PHE A 134 -5.14 10.91 -11.24
N TYR A 135 -5.33 12.22 -11.40
CA TYR A 135 -6.67 12.80 -11.39
C TYR A 135 -7.49 12.31 -12.61
N GLY A 136 -6.86 11.96 -13.68
CA GLY A 136 -7.58 11.37 -14.82
C GLY A 136 -8.11 9.99 -14.43
N PHE A 137 -7.34 9.25 -13.64
CA PHE A 137 -7.85 8.00 -13.15
C PHE A 137 -9.02 8.22 -12.16
N LEU A 138 -8.96 9.25 -11.32
CA LEU A 138 -10.02 9.53 -10.38
C LEU A 138 -11.34 9.79 -11.17
N VAL A 139 -11.23 10.52 -12.26
CA VAL A 139 -12.41 10.82 -13.09
C VAL A 139 -13.03 9.54 -13.66
N ASN A 140 -12.19 8.59 -14.11
CA ASN A 140 -12.62 7.29 -14.60
C ASN A 140 -13.41 6.54 -13.53
N PHE A 141 -12.89 6.55 -12.30
CA PHE A 141 -13.61 5.95 -11.16
C PHE A 141 -14.98 6.63 -10.89
N LEU A 142 -15.01 7.97 -10.85
CA LEU A 142 -16.26 8.68 -10.65
C LEU A 142 -17.28 8.35 -11.77
N LYS A 143 -16.82 8.26 -13.01
CA LYS A 143 -17.71 7.96 -14.15
C LYS A 143 -18.20 6.52 -14.04
N ALA A 144 -17.34 5.60 -13.64
CA ALA A 144 -17.73 4.22 -13.49
C ALA A 144 -18.73 3.98 -12.37
N SER A 145 -18.59 4.70 -11.26
CA SER A 145 -19.47 4.53 -10.14
C SER A 145 -20.83 5.20 -10.35
N GLY A 146 -20.88 6.33 -11.05
CA GLY A 146 -22.13 6.94 -11.45
C GLY A 146 -22.90 7.59 -10.29
N SER A 147 -22.27 7.79 -9.12
CA SER A 147 -23.01 8.21 -7.90
C SER A 147 -22.49 9.49 -7.27
N GLY A 148 -21.33 9.95 -7.71
CA GLY A 148 -20.65 11.05 -7.06
C GLY A 148 -19.59 10.58 -6.03
N PHE A 149 -19.55 9.29 -5.74
CA PHE A 149 -18.52 8.74 -4.89
C PHE A 149 -17.58 7.97 -5.79
N LEU A 150 -16.39 7.71 -5.29
CA LEU A 150 -15.34 7.10 -6.11
C LEU A 150 -15.56 5.62 -6.34
N VAL A 151 -16.02 4.91 -5.30
CA VAL A 151 -16.37 3.50 -5.41
C VAL A 151 -17.78 3.23 -4.93
N GLY A 152 -18.57 2.71 -5.85
CA GLY A 152 -19.97 2.35 -5.58
C GLY A 152 -20.90 3.53 -5.30
N ASP A 153 -21.94 3.28 -4.49
CA ASP A 153 -23.00 4.29 -4.32
C ASP A 153 -22.99 5.03 -2.99
N SER A 154 -21.95 4.87 -2.18
CA SER A 154 -21.89 5.49 -0.88
C SER A 154 -20.42 5.69 -0.46
N LEU A 155 -20.27 6.46 0.59
CA LEU A 155 -18.98 6.91 1.07
C LEU A 155 -18.08 5.77 1.40
N THR A 156 -16.82 5.86 0.95
CA THR A 156 -15.76 5.02 1.48
C THR A 156 -14.60 5.93 1.93
N TRP A 157 -13.66 5.35 2.65
CA TRP A 157 -12.53 6.15 3.17
C TRP A 157 -11.66 6.78 2.07
N ILE A 158 -11.64 6.20 0.87
CA ILE A 158 -10.84 6.79 -0.18
C ILE A 158 -11.48 8.09 -0.63
N ASP A 159 -12.82 8.21 -0.53
CA ASP A 159 -13.48 9.50 -0.75
C ASP A 159 -12.95 10.56 0.24
N LEU A 160 -12.83 10.17 1.51
CA LEU A 160 -12.36 11.09 2.53
C LEU A 160 -10.94 11.55 2.21
N ALA A 161 -10.07 10.61 1.88
CA ALA A 161 -8.67 10.92 1.62
C ALA A 161 -8.53 11.81 0.36
N ILE A 162 -9.25 11.45 -0.70
CA ILE A 162 -9.09 12.19 -1.93
C ILE A 162 -9.71 13.58 -1.80
N ALA A 163 -10.90 13.68 -1.22
CA ALA A 163 -11.50 14.98 -0.98
C ALA A 163 -10.64 15.89 -0.15
N GLN A 164 -9.95 15.35 0.83
CA GLN A 164 -9.10 16.20 1.68
C GLN A 164 -7.84 16.68 0.89
N HIS A 165 -7.31 15.82 0.07
CA HIS A 165 -6.16 16.19 -0.82
C HIS A 165 -6.58 17.29 -1.81
N SER A 166 -7.72 17.08 -2.47
CA SER A 166 -8.27 18.05 -3.38
C SER A 166 -8.55 19.40 -2.71
N ALA A 167 -9.19 19.41 -1.53
CA ALA A 167 -9.54 20.60 -0.79
C ALA A 167 -8.25 21.36 -0.43
N ASP A 168 -7.24 20.61 0.01
CA ASP A 168 -5.94 21.26 0.29
C ASP A 168 -5.30 21.92 -0.95
N LEU A 169 -5.28 21.22 -2.08
CA LEU A 169 -4.64 21.73 -3.29
C LEU A 169 -5.41 22.95 -3.74
N ILE A 170 -6.76 22.88 -3.71
CA ILE A 170 -7.57 24.04 -4.11
C ILE A 170 -7.36 25.25 -3.17
N ALA A 171 -7.45 25.00 -1.87
CA ALA A 171 -7.24 26.05 -0.86
C ALA A 171 -5.91 26.78 -1.01
N LYS A 172 -4.87 26.06 -1.38
CA LYS A 172 -3.54 26.58 -1.47
C LYS A 172 -3.19 27.14 -2.84
N GLY A 173 -4.20 27.26 -3.72
CA GLY A 173 -4.04 27.96 -4.97
C GLY A 173 -3.99 27.08 -6.19
N GLY A 174 -4.27 25.79 -6.07
CA GLY A 174 -4.21 24.89 -7.19
C GLY A 174 -5.31 25.07 -8.25
N ASP A 175 -5.01 24.74 -9.49
CA ASP A 175 -5.94 24.94 -10.63
C ASP A 175 -6.55 23.63 -10.97
N PHE A 176 -7.85 23.54 -10.74
CA PHE A 176 -8.66 22.38 -11.06
C PHE A 176 -9.46 22.50 -12.34
N SER A 177 -9.01 23.39 -13.25
CA SER A 177 -9.65 23.53 -14.55
C SER A 177 -9.81 22.23 -15.31
N LYS A 178 -8.84 21.34 -15.24
CA LYS A 178 -8.92 20.09 -15.97
C LYS A 178 -9.77 19.05 -15.27
N PHE A 179 -10.10 19.30 -14.00
CA PHE A 179 -10.83 18.29 -13.22
C PHE A 179 -11.95 18.87 -12.36
N PRO A 180 -12.95 19.46 -13.03
CA PRO A 180 -14.10 20.03 -12.30
C PRO A 180 -14.84 18.96 -11.49
N GLU A 181 -14.80 17.72 -11.95
CA GLU A 181 -15.40 16.61 -11.29
C GLU A 181 -14.84 16.41 -9.87
N LEU A 182 -13.53 16.63 -9.69
CA LEU A 182 -12.88 16.37 -8.39
C LEU A 182 -13.05 17.53 -7.44
N LYS A 183 -13.26 18.74 -7.99
CA LYS A 183 -13.67 19.85 -7.17
C LYS A 183 -15.09 19.64 -6.68
N ALA A 184 -16.01 19.16 -7.54
CA ALA A 184 -17.35 18.81 -7.08
C ALA A 184 -17.29 17.69 -6.03
N HIS A 185 -16.47 16.67 -6.27
CA HIS A 185 -16.34 15.57 -5.29
C HIS A 185 -15.88 16.06 -3.95
N ALA A 186 -14.88 16.95 -3.93
CA ALA A 186 -14.37 17.51 -2.68
C ALA A 186 -15.45 18.27 -1.93
N GLU A 187 -16.18 19.10 -2.66
CA GLU A 187 -17.26 19.88 -2.05
C GLU A 187 -18.33 18.99 -1.48
N LYS A 188 -18.74 17.92 -2.21
CA LYS A 188 -19.73 16.97 -1.72
C LYS A 188 -19.28 16.22 -0.41
N ILE A 189 -18.07 15.68 -0.42
CA ILE A 189 -17.62 14.85 0.70
C ILE A 189 -17.39 15.77 1.93
N GLN A 190 -16.83 16.96 1.70
CA GLN A 190 -16.55 17.92 2.78
C GLN A 190 -17.76 18.64 3.40
N ALA A 191 -18.89 18.58 2.70
CA ALA A 191 -20.20 19.00 3.22
C ALA A 191 -20.92 17.93 4.07
N ILE A 192 -20.49 16.67 4.06
CA ILE A 192 -21.10 15.69 4.95
C ILE A 192 -21.04 16.24 6.36
N PRO A 193 -22.14 16.25 7.13
CA PRO A 193 -22.12 16.99 8.41
C PRO A 193 -21.00 16.67 9.38
N GLN A 194 -20.70 15.39 9.61
CA GLN A 194 -19.65 15.02 10.55
C GLN A 194 -18.29 15.55 10.09
N ILE A 195 -18.10 15.51 8.78
CA ILE A 195 -16.88 15.95 8.15
C ILE A 195 -16.75 17.48 8.19
N LYS A 196 -17.83 18.18 7.89
CA LYS A 196 -17.87 19.62 7.90
C LYS A 196 -17.57 20.11 9.33
N LYS A 197 -18.19 19.47 10.31
CA LYS A 197 -17.93 19.82 11.70
C LYS A 197 -16.46 19.62 12.11
N TRP A 198 -15.87 18.48 11.75
CA TRP A 198 -14.47 18.19 12.00
C TRP A 198 -13.53 19.21 11.34
N ILE A 199 -13.83 19.55 10.10
CA ILE A 199 -13.01 20.56 9.38
C ILE A 199 -13.06 21.92 10.08
N GLU A 200 -14.23 22.27 10.59
CA GLU A 200 -14.39 23.57 11.26
C GLU A 200 -13.76 23.59 12.66
N THR A 201 -13.51 22.42 13.26
CA THR A 201 -13.01 22.33 14.65
C THR A 201 -11.59 21.78 14.89
N ARG A 202 -11.04 21.05 13.93
CA ARG A 202 -9.67 20.50 14.04
C ARG A 202 -8.67 21.63 14.15
N PRO A 203 -7.52 21.34 14.72
CA PRO A 203 -6.41 22.27 14.73
C PRO A 203 -6.10 22.72 13.28
N VAL A 204 -5.88 24.02 13.13
CA VAL A 204 -5.52 24.59 11.81
C VAL A 204 -4.03 24.47 11.62
N THR A 205 -3.60 23.64 10.66
CA THR A 205 -2.18 23.47 10.43
C THR A 205 -1.88 23.67 8.94
N PRO A 206 -0.64 24.01 8.57
CA PRO A 206 -0.29 24.22 7.14
C PRO A 206 -0.50 22.93 6.31
N PHE A 207 -0.06 21.83 6.87
CA PHE A 207 -0.14 20.54 6.22
C PHE A 207 -0.89 19.45 7.08
N MET B 1 -16.40 -22.46 -12.55
CA MET B 1 -17.36 -21.72 -11.65
C MET B 1 -17.01 -20.20 -11.70
N VAL B 2 -16.41 -19.60 -10.65
CA VAL B 2 -15.82 -18.23 -10.80
C VAL B 2 -14.54 -18.34 -11.65
N SER B 3 -14.39 -17.50 -12.65
CA SER B 3 -13.21 -17.57 -13.48
C SER B 3 -12.15 -16.43 -13.17
N TYR B 4 -10.95 -16.86 -12.90
CA TYR B 4 -9.84 -15.96 -12.61
C TYR B 4 -8.86 -16.02 -13.71
N LYS B 5 -8.44 -14.87 -14.11
CA LYS B 5 -7.32 -14.65 -15.01
C LYS B 5 -6.36 -13.55 -14.51
N LEU B 6 -5.11 -13.92 -14.33
CA LEU B 6 -4.07 -13.02 -13.88
C LEU B 6 -3.20 -12.62 -15.06
N THR B 7 -3.12 -11.33 -15.35
CA THR B 7 -2.26 -10.78 -16.37
C THR B 7 -1.04 -10.10 -15.76
N TYR B 8 0.14 -10.63 -16.09
CA TYR B 8 1.37 -10.03 -15.65
C TYR B 8 2.47 -10.32 -16.69
N PHE B 9 3.66 -9.76 -16.48
CA PHE B 9 4.78 -10.05 -17.35
C PHE B 9 5.21 -11.50 -17.17
N ASN B 10 6.02 -11.98 -18.10
CA ASN B 10 6.54 -13.34 -17.99
C ASN B 10 7.71 -13.34 -17.00
N GLY B 11 7.36 -13.41 -15.74
CA GLY B 11 8.31 -13.38 -14.66
C GLY B 11 7.55 -13.61 -13.36
N ARG B 12 8.26 -13.74 -12.27
CA ARG B 12 7.66 -13.91 -10.95
C ARG B 12 7.18 -12.52 -10.51
N GLY B 13 8.12 -11.69 -10.09
CA GLY B 13 7.88 -10.28 -9.81
C GLY B 13 6.67 -10.07 -8.91
N ALA B 14 5.89 -9.04 -9.24
CA ALA B 14 4.74 -8.62 -8.43
C ALA B 14 3.48 -9.51 -8.61
N GLY B 15 3.47 -10.38 -9.62
CA GLY B 15 2.38 -11.32 -9.81
C GLY B 15 2.49 -12.56 -8.99
N GLU B 16 3.70 -12.85 -8.54
CA GLU B 16 4.01 -14.14 -8.05
C GLU B 16 3.23 -14.45 -6.80
N VAL B 17 3.05 -13.47 -5.90
CA VAL B 17 2.35 -13.79 -4.70
C VAL B 17 0.91 -14.25 -4.99
N SER B 18 0.27 -13.67 -5.99
CA SER B 18 -1.10 -14.04 -6.33
C SER B 18 -1.13 -15.47 -6.90
N ARG B 19 -0.16 -15.80 -7.74
CA ARG B 19 0.00 -17.19 -8.18
C ARG B 19 0.19 -18.14 -7.05
N GLN B 20 0.89 -17.71 -5.99
CA GLN B 20 1.12 -18.62 -4.90
C GLN B 20 -0.08 -18.77 -4.01
N ILE B 21 -0.84 -17.70 -3.90
CA ILE B 21 -2.12 -17.76 -3.24
C ILE B 21 -3.03 -18.78 -3.98
N PHE B 22 -3.16 -18.67 -5.28
CA PHE B 22 -3.95 -19.63 -6.03
C PHE B 22 -3.46 -21.11 -5.78
N ALA B 23 -2.15 -21.30 -5.76
CA ALA B 23 -1.58 -22.62 -5.54
C ALA B 23 -1.93 -23.19 -4.17
N TYR B 24 -1.78 -22.38 -3.14
CA TYR B 24 -2.17 -22.84 -1.82
C TYR B 24 -3.64 -23.20 -1.76
N ALA B 25 -4.48 -22.36 -2.36
CA ALA B 25 -5.90 -22.56 -2.27
C ALA B 25 -6.34 -23.73 -3.10
N GLY B 26 -5.54 -24.13 -4.10
CA GLY B 26 -5.92 -25.17 -5.05
C GLY B 26 -6.92 -24.65 -6.08
N GLN B 27 -6.87 -23.33 -6.31
CA GLN B 27 -7.75 -22.65 -7.24
C GLN B 27 -7.17 -22.53 -8.61
N GLN B 28 -7.92 -23.04 -9.59
CA GLN B 28 -7.63 -22.91 -11.00
C GLN B 28 -7.72 -21.46 -11.45
N TYR B 29 -6.80 -21.03 -12.27
CA TYR B 29 -6.77 -19.70 -12.84
C TYR B 29 -6.01 -19.73 -14.14
N GLU B 30 -6.25 -18.75 -15.01
CA GLU B 30 -5.42 -18.58 -16.18
C GLU B 30 -4.26 -17.66 -15.84
N ASP B 31 -3.05 -18.23 -15.91
CA ASP B 31 -1.80 -17.48 -15.83
C ASP B 31 -1.38 -16.81 -17.16
N ASN B 32 -1.97 -15.66 -17.45
CA ASN B 32 -1.67 -14.89 -18.63
C ASN B 32 -0.38 -14.08 -18.55
N ARG B 33 0.66 -14.51 -19.27
CA ARG B 33 1.96 -13.87 -19.18
C ARG B 33 2.22 -13.11 -20.43
N VAL B 34 2.63 -11.85 -20.31
CA VAL B 34 2.86 -11.02 -21.49
C VAL B 34 4.34 -10.73 -21.66
N THR B 35 4.82 -10.77 -22.88
CA THR B 35 6.25 -10.50 -23.11
C THR B 35 6.50 -9.02 -23.22
N GLN B 36 7.76 -8.64 -23.01
CA GLN B 36 8.24 -7.28 -23.30
C GLN B 36 7.72 -6.71 -24.62
N GLU B 37 7.69 -7.55 -25.64
CA GLU B 37 7.41 -7.13 -27.00
C GLU B 37 5.93 -6.96 -27.22
N GLN B 38 5.13 -7.81 -26.58
CA GLN B 38 3.68 -7.71 -26.64
C GLN B 38 3.08 -6.53 -25.81
N TRP B 39 3.79 -6.08 -24.79
CA TRP B 39 3.20 -5.12 -23.84
C TRP B 39 2.63 -3.82 -24.51
N PRO B 40 3.41 -3.11 -25.31
CA PRO B 40 2.88 -1.95 -26.04
C PRO B 40 1.45 -2.09 -26.59
N ALA B 41 1.09 -3.16 -27.33
CA ALA B 41 -0.26 -3.28 -27.90
C ALA B 41 -1.33 -3.50 -26.83
N LEU B 42 -1.03 -4.34 -25.85
CA LEU B 42 -1.92 -4.50 -24.70
C LEU B 42 -2.13 -3.18 -23.95
N LYS B 43 -1.05 -2.42 -23.77
CA LYS B 43 -1.17 -1.15 -23.08
C LYS B 43 -2.10 -0.20 -23.85
N GLU B 44 -1.92 -0.12 -25.16
CA GLU B 44 -2.76 0.71 -26.06
C GLU B 44 -4.20 0.20 -26.08
N THR B 45 -4.38 -1.02 -25.63
CA THR B 45 -5.68 -1.66 -25.60
C THR B 45 -6.60 -1.04 -24.50
N CYS B 46 -5.99 -0.28 -23.57
CA CYS B 46 -6.63 0.26 -22.34
C CYS B 46 -7.16 -0.76 -21.36
N ALA B 47 -6.74 -2.00 -21.53
CA ALA B 47 -7.20 -3.06 -20.66
C ALA B 47 -6.84 -2.71 -19.20
N ALA B 48 -5.61 -2.29 -18.93
CA ALA B 48 -5.13 -2.17 -17.53
C ALA B 48 -5.76 -0.94 -16.90
N PRO B 49 -6.43 -1.05 -15.75
CA PRO B 49 -7.03 0.13 -15.13
C PRO B 49 -6.13 1.35 -14.97
N PHE B 50 -4.86 1.14 -14.58
CA PHE B 50 -3.97 2.29 -14.43
C PHE B 50 -2.84 2.20 -15.46
N GLY B 51 -3.04 1.47 -16.57
CA GLY B 51 -2.00 1.35 -17.60
C GLY B 51 -0.80 0.48 -17.21
N GLN B 52 -0.94 -0.37 -16.18
CA GLN B 52 0.18 -1.16 -15.65
C GLN B 52 -0.23 -2.62 -15.22
N LEU B 53 0.74 -3.51 -15.14
CA LEU B 53 0.52 -4.86 -14.63
C LEU B 53 1.08 -4.99 -13.22
N PRO B 54 0.55 -5.94 -12.46
CA PRO B 54 -0.47 -6.91 -12.87
C PRO B 54 -1.88 -6.36 -12.78
N PHE B 55 -2.79 -7.04 -13.45
CA PHE B 55 -4.22 -6.92 -13.17
C PHE B 55 -4.87 -8.29 -13.20
N LEU B 56 -5.94 -8.44 -12.43
CA LEU B 56 -6.69 -9.65 -12.28
C LEU B 56 -8.09 -9.41 -12.89
N GLU B 57 -8.60 -10.41 -13.61
CA GLU B 57 -10.00 -10.46 -14.04
C GLU B 57 -10.71 -11.55 -13.30
N VAL B 58 -11.84 -11.18 -12.71
CA VAL B 58 -12.70 -12.07 -11.94
C VAL B 58 -14.06 -12.01 -12.64
N ASP B 59 -14.40 -13.09 -13.38
CA ASP B 59 -15.58 -13.12 -14.25
C ASP B 59 -15.55 -11.86 -15.13
N GLY B 60 -14.42 -11.61 -15.77
CA GLY B 60 -14.19 -10.46 -16.62
C GLY B 60 -14.07 -9.07 -15.98
N LYS B 61 -14.38 -8.92 -14.69
CA LYS B 61 -14.19 -7.61 -14.05
C LYS B 61 -12.70 -7.46 -13.64
N LYS B 62 -12.15 -6.27 -13.89
CA LYS B 62 -10.71 -5.96 -13.77
C LYS B 62 -10.39 -5.38 -12.38
N LEU B 63 -9.26 -5.81 -11.83
CA LEU B 63 -8.76 -5.27 -10.55
C LEU B 63 -7.24 -5.11 -10.71
N ALA B 64 -6.77 -3.87 -10.63
CA ALA B 64 -5.35 -3.56 -10.60
C ALA B 64 -4.78 -3.46 -9.20
N GLN B 65 -3.47 -3.31 -9.19
CA GLN B 65 -2.59 -3.08 -8.03
C GLN B 65 -2.25 -4.40 -7.30
N SER B 66 -0.98 -4.74 -7.32
CA SER B 66 -0.47 -6.02 -6.85
C SER B 66 -0.94 -6.40 -5.50
N HIS B 67 -0.90 -5.44 -4.57
CA HIS B 67 -1.29 -5.76 -3.19
C HIS B 67 -2.84 -5.79 -3.06
N ALA B 68 -3.58 -4.94 -3.82
CA ALA B 68 -5.03 -5.02 -3.78
C ALA B 68 -5.48 -6.40 -4.27
N ILE B 69 -4.81 -6.91 -5.31
CA ILE B 69 -5.14 -8.21 -5.89
C ILE B 69 -4.82 -9.30 -4.89
N ALA B 70 -3.62 -9.26 -4.31
CA ALA B 70 -3.22 -10.28 -3.32
C ALA B 70 -4.16 -10.30 -2.11
N ARG B 71 -4.53 -9.13 -1.61
CA ARG B 71 -5.43 -9.06 -0.46
C ARG B 71 -6.81 -9.58 -0.81
N PHE B 72 -7.30 -9.23 -1.99
CA PHE B 72 -8.61 -9.66 -2.45
C PHE B 72 -8.64 -11.20 -2.49
N LEU B 73 -7.68 -11.76 -3.17
CA LEU B 73 -7.59 -13.23 -3.28
C LEU B 73 -7.32 -13.92 -1.95
N ALA B 74 -6.44 -13.35 -1.12
CA ALA B 74 -6.18 -13.91 0.17
C ALA B 74 -7.42 -13.88 1.07
N ARG B 75 -8.24 -12.83 0.98
CA ARG B 75 -9.45 -12.85 1.80
C ARG B 75 -10.45 -13.92 1.31
N GLU B 76 -10.55 -14.10 0.01
CA GLU B 76 -11.40 -15.16 -0.51
C GLU B 76 -10.99 -16.53 -0.04
N PHE B 77 -9.68 -16.78 0.09
CA PHE B 77 -9.13 -18.10 0.42
C PHE B 77 -8.60 -18.23 1.83
N LYS B 78 -8.95 -17.26 2.68
CA LYS B 78 -8.63 -17.30 4.06
C LYS B 78 -7.09 -17.28 4.34
N LEU B 79 -6.38 -16.50 3.53
CA LEU B 79 -4.97 -16.28 3.69
C LEU B 79 -4.55 -14.84 4.08
N ASN B 80 -5.50 -14.02 4.53
CA ASN B 80 -5.21 -12.62 4.84
C ASN B 80 -5.05 -12.38 6.33
N GLY B 81 -5.25 -13.42 7.13
CA GLY B 81 -5.25 -13.28 8.56
C GLY B 81 -6.52 -13.86 9.17
N LYS B 82 -6.43 -14.36 10.41
CA LYS B 82 -7.52 -15.11 11.02
C LYS B 82 -8.50 -14.29 11.80
N THR B 83 -8.11 -13.07 12.18
CA THR B 83 -8.96 -12.06 12.79
C THR B 83 -8.84 -10.72 12.03
N ALA B 84 -9.74 -9.78 12.31
CA ALA B 84 -9.63 -8.41 11.78
C ALA B 84 -8.25 -7.84 12.14
N TRP B 85 -7.82 -8.05 13.39
CA TRP B 85 -6.54 -7.52 13.80
C TRP B 85 -5.39 -8.12 13.03
N GLU B 86 -5.39 -9.45 12.82
CA GLU B 86 -4.35 -10.05 12.03
C GLU B 86 -4.36 -9.55 10.60
N GLU B 87 -5.54 -9.35 10.02
CA GLU B 87 -5.64 -8.80 8.63
C GLU B 87 -4.95 -7.46 8.55
N ALA B 88 -5.11 -6.66 9.60
CA ALA B 88 -4.56 -5.34 9.59
C ALA B 88 -3.01 -5.41 9.74
N GLN B 89 -2.52 -6.32 10.57
CA GLN B 89 -1.07 -6.47 10.75
C GLN B 89 -0.42 -6.97 9.51
N VAL B 90 -1.11 -7.89 8.83
CA VAL B 90 -0.63 -8.34 7.53
C VAL B 90 -0.50 -7.13 6.59
N ASN B 91 -1.53 -6.27 6.57
CA ASN B 91 -1.50 -5.09 5.74
C ASN B 91 -0.37 -4.14 6.14
N SER B 92 -0.12 -4.01 7.45
CA SER B 92 0.93 -3.11 7.96
C SER B 92 2.29 -3.54 7.43
N LEU B 93 2.54 -4.84 7.52
CA LEU B 93 3.83 -5.37 7.14
C LEU B 93 4.02 -5.33 5.63
N ALA B 94 2.93 -5.54 4.88
CA ALA B 94 2.99 -5.51 3.44
C ALA B 94 3.25 -4.10 2.97
N ASP B 95 2.69 -3.11 3.63
CA ASP B 95 2.95 -1.74 3.28
C ASP B 95 4.37 -1.33 3.66
N GLN B 96 4.90 -1.86 4.76
CA GLN B 96 6.27 -1.58 5.12
C GLN B 96 7.21 -2.25 4.07
N TYR B 97 6.82 -3.42 3.55
CA TYR B 97 7.54 -4.12 2.48
C TYR B 97 7.57 -3.25 1.22
N LYS B 98 6.45 -2.59 0.89
CA LYS B 98 6.49 -1.56 -0.17
C LYS B 98 7.51 -0.46 0.05
N ASP B 99 7.60 0.05 1.28
CA ASP B 99 8.54 1.14 1.56
C ASP B 99 10.01 0.63 1.42
N TYR B 100 10.27 -0.61 1.85
CA TYR B 100 11.56 -1.26 1.62
C TYR B 100 11.88 -1.33 0.13
N SER B 101 10.95 -1.83 -0.67
CA SER B 101 11.12 -1.90 -2.10
C SER B 101 11.37 -0.55 -2.74
N SER B 102 10.69 0.51 -2.33
CA SER B 102 11.02 1.87 -2.82
C SER B 102 12.45 2.29 -2.44
N GLU B 103 12.84 2.06 -1.18
CA GLU B 103 14.18 2.43 -0.73
C GLU B 103 15.27 1.70 -1.51
N ALA B 104 15.06 0.42 -1.78
CA ALA B 104 16.04 -0.38 -2.44
C ALA B 104 16.06 -0.33 -3.99
N ARG B 105 15.03 0.26 -4.60
CA ARG B 105 14.83 0.22 -6.02
C ARG B 105 16.06 0.70 -6.83
N PRO B 106 16.78 1.74 -6.45
CA PRO B 106 17.98 2.14 -7.24
C PRO B 106 19.02 0.99 -7.39
N TYR B 107 19.24 0.22 -6.32
CA TYR B 107 20.06 -0.98 -6.39
C TYR B 107 19.49 -2.09 -7.24
N PHE B 108 18.25 -2.48 -7.01
CA PHE B 108 17.68 -3.55 -7.82
C PHE B 108 17.64 -3.13 -9.31
N TYR B 109 17.44 -1.85 -9.60
CA TYR B 109 17.45 -1.39 -11.00
C TYR B 109 18.83 -1.49 -11.69
N ALA B 110 19.88 -1.16 -10.98
CA ALA B 110 21.23 -1.28 -11.50
C ALA B 110 21.62 -2.75 -11.66
N VAL B 111 21.34 -3.56 -10.65
CA VAL B 111 21.58 -5.01 -10.70
C VAL B 111 20.89 -5.72 -11.88
N MET B 112 19.62 -5.44 -12.08
CA MET B 112 18.81 -6.02 -13.15
C MET B 112 19.14 -5.47 -14.54
N GLY B 113 19.64 -4.24 -14.62
CA GLY B 113 19.91 -3.57 -15.88
C GLY B 113 19.20 -2.23 -16.08
N PHE B 114 17.98 -2.07 -15.56
CA PHE B 114 17.06 -1.00 -15.96
C PHE B 114 17.47 0.45 -15.60
N GLY B 115 18.52 0.62 -14.80
CA GLY B 115 18.88 1.94 -14.31
C GLY B 115 20.37 2.14 -14.16
N PRO B 116 20.77 3.36 -13.78
CA PRO B 116 22.19 3.72 -13.67
C PRO B 116 22.80 3.49 -12.29
N GLY B 117 24.13 3.42 -12.27
CA GLY B 117 24.84 3.47 -11.02
C GLY B 117 25.77 2.31 -10.86
N ASP B 118 26.81 2.52 -10.07
CA ASP B 118 27.71 1.43 -9.76
C ASP B 118 27.12 0.51 -8.67
N VAL B 119 27.05 -0.77 -9.01
CA VAL B 119 26.38 -1.79 -8.23
C VAL B 119 27.01 -1.99 -6.85
N GLU B 120 28.34 -2.04 -6.74
CA GLU B 120 28.99 -2.23 -5.43
C GLU B 120 28.68 -1.05 -4.51
N THR B 121 28.74 0.16 -5.07
CA THR B 121 28.46 1.32 -4.26
C THR B 121 26.97 1.40 -3.79
N LEU B 122 26.06 1.09 -4.68
CA LEU B 122 24.63 1.12 -4.33
C LEU B 122 24.31 0.00 -3.35
N LYS B 123 25.03 -1.11 -3.47
CA LYS B 123 24.84 -2.22 -2.53
C LYS B 123 25.07 -1.76 -1.12
N LYS B 124 26.19 -1.06 -0.87
CA LYS B 124 26.54 -0.66 0.46
C LYS B 124 25.87 0.58 0.95
N ASP B 125 25.56 1.49 0.04
CA ASP B 125 25.02 2.80 0.40
C ASP B 125 23.49 2.79 0.40
N ILE B 126 22.86 1.96 -0.40
CA ILE B 126 21.40 1.96 -0.54
C ILE B 126 20.76 0.63 -0.15
N PHE B 127 21.20 -0.48 -0.75
CA PHE B 127 20.55 -1.77 -0.46
C PHE B 127 20.75 -2.26 0.98
N LEU B 128 21.98 -2.32 1.47
CA LEU B 128 22.18 -2.86 2.78
C LEU B 128 21.49 -2.11 3.90
N PRO B 129 21.52 -0.79 3.96
CA PRO B 129 20.77 -0.10 5.00
C PRO B 129 19.26 -0.39 4.92
N ALA B 130 18.74 -0.50 3.69
CA ALA B 130 17.32 -0.79 3.52
C ALA B 130 16.96 -2.21 3.95
N PHE B 131 17.76 -3.18 3.51
CA PHE B 131 17.60 -4.56 3.85
C PHE B 131 17.70 -4.77 5.33
N GLU B 132 18.69 -4.13 5.99
CA GLU B 132 18.92 -4.36 7.42
C GLU B 132 17.81 -3.78 8.30
N LYS B 133 17.33 -2.61 7.90
CA LYS B 133 16.18 -2.01 8.57
C LYS B 133 14.94 -2.84 8.45
N PHE B 134 14.62 -3.27 7.24
CA PHE B 134 13.36 -3.96 6.98
C PHE B 134 13.40 -5.39 7.58
N TYR B 135 14.52 -6.06 7.40
CA TYR B 135 14.64 -7.41 7.94
C TYR B 135 14.66 -7.43 9.46
N GLY B 136 15.13 -6.35 10.10
CA GLY B 136 15.05 -6.23 11.55
C GLY B 136 13.61 -6.22 12.01
N PHE B 137 12.77 -5.56 11.21
CA PHE B 137 11.32 -5.53 11.50
C PHE B 137 10.70 -6.88 11.28
N LEU B 138 11.09 -7.58 10.23
CA LEU B 138 10.57 -8.95 9.99
C LEU B 138 10.84 -9.83 11.21
N VAL B 139 12.04 -9.70 11.76
CA VAL B 139 12.43 -10.55 12.89
C VAL B 139 11.55 -10.18 14.09
N ASN B 140 11.29 -8.91 14.29
CA ASN B 140 10.33 -8.47 15.31
C ASN B 140 8.95 -9.17 15.19
N PHE B 141 8.41 -9.21 13.99
CA PHE B 141 7.14 -9.90 13.76
C PHE B 141 7.23 -11.42 14.02
N LEU B 142 8.30 -12.08 13.59
CA LEU B 142 8.48 -13.48 13.86
C LEU B 142 8.50 -13.73 15.34
N LYS B 143 9.21 -12.91 16.08
CA LYS B 143 9.31 -13.12 17.51
C LYS B 143 7.98 -12.86 18.19
N ALA B 144 7.24 -11.88 17.73
CA ALA B 144 5.94 -11.58 18.31
C ALA B 144 4.94 -12.71 18.05
N SER B 145 4.94 -13.28 16.86
CA SER B 145 3.97 -14.30 16.57
C SER B 145 4.35 -15.63 17.27
N GLY B 146 5.65 -15.90 17.41
CA GLY B 146 6.13 -17.13 18.05
C GLY B 146 5.81 -18.45 17.39
N SER B 147 5.48 -18.41 16.11
CA SER B 147 4.94 -19.57 15.42
C SER B 147 5.80 -20.04 14.26
N GLY B 148 6.76 -19.22 13.84
CA GLY B 148 7.45 -19.39 12.58
C GLY B 148 6.79 -18.67 11.36
N PHE B 149 5.55 -18.17 11.51
CA PHE B 149 4.88 -17.32 10.53
C PHE B 149 4.96 -15.85 10.99
N LEU B 150 4.81 -14.95 10.03
CA LEU B 150 5.02 -13.53 10.32
C LEU B 150 3.86 -12.97 11.12
N VAL B 151 2.68 -13.44 10.87
CA VAL B 151 1.52 -12.91 11.58
C VAL B 151 0.66 -14.06 12.05
N GLY B 152 0.49 -14.16 13.34
CA GLY B 152 -0.36 -15.19 13.93
C GLY B 152 0.27 -16.59 13.87
N ASP B 153 -0.59 -17.61 13.87
CA ASP B 153 -0.13 -19.02 14.02
C ASP B 153 -0.21 -19.80 12.74
N SER B 154 -0.65 -19.14 11.66
CA SER B 154 -0.76 -19.81 10.38
C SER B 154 -0.33 -18.95 9.20
N LEU B 155 -0.17 -19.58 8.05
CA LEU B 155 0.26 -18.94 6.84
C LEU B 155 -0.67 -17.79 6.43
N THR B 156 -0.06 -16.71 6.01
CA THR B 156 -0.74 -15.58 5.32
C THR B 156 0.06 -15.23 4.12
N TRP B 157 -0.51 -14.42 3.22
CA TRP B 157 0.17 -14.13 1.97
C TRP B 157 1.43 -13.31 2.12
N ILE B 158 1.60 -12.56 3.22
CA ILE B 158 2.87 -11.88 3.42
C ILE B 158 4.04 -12.85 3.66
N ASP B 159 3.75 -14.00 4.26
CA ASP B 159 4.78 -15.09 4.33
C ASP B 159 5.22 -15.48 2.93
N LEU B 160 4.28 -15.63 2.00
CA LEU B 160 4.63 -16.06 0.67
C LEU B 160 5.43 -15.06 -0.05
N ALA B 161 5.06 -13.79 0.09
CA ALA B 161 5.81 -12.72 -0.60
C ALA B 161 7.22 -12.58 -0.03
N ILE B 162 7.32 -12.62 1.29
CA ILE B 162 8.61 -12.42 1.95
C ILE B 162 9.52 -13.65 1.70
N ALA B 163 8.97 -14.86 1.80
CA ALA B 163 9.76 -16.04 1.52
C ALA B 163 10.31 -16.01 0.07
N GLN B 164 9.51 -15.55 -0.89
CA GLN B 164 10.01 -15.48 -2.24
C GLN B 164 11.15 -14.47 -2.42
N HIS B 165 11.05 -13.31 -1.77
CA HIS B 165 12.10 -12.33 -1.86
C HIS B 165 13.38 -12.89 -1.22
N SER B 166 13.25 -13.44 -0.04
CA SER B 166 14.37 -14.03 0.66
C SER B 166 15.10 -15.14 -0.11
N ALA B 167 14.32 -16.07 -0.65
CA ALA B 167 14.80 -17.10 -1.57
C ALA B 167 15.57 -16.50 -2.73
N ASP B 168 15.06 -15.46 -3.38
CA ASP B 168 15.76 -14.80 -4.45
C ASP B 168 17.10 -14.23 -3.99
N LEU B 169 17.12 -13.58 -2.82
CA LEU B 169 18.36 -12.95 -2.36
C LEU B 169 19.38 -14.05 -2.05
N ILE B 170 18.91 -15.09 -1.37
CA ILE B 170 19.77 -16.20 -1.00
C ILE B 170 20.41 -16.89 -2.21
N ALA B 171 19.58 -17.16 -3.22
CA ALA B 171 20.04 -17.77 -4.44
C ALA B 171 21.10 -16.93 -5.12
N LYS B 172 21.07 -15.62 -4.95
CA LYS B 172 22.11 -14.81 -5.56
C LYS B 172 23.29 -14.58 -4.62
N GLY B 173 23.38 -15.37 -3.57
CA GLY B 173 24.49 -15.26 -2.65
C GLY B 173 24.36 -14.26 -1.52
N GLY B 174 23.14 -13.85 -1.21
CA GLY B 174 22.90 -12.92 -0.15
C GLY B 174 23.31 -13.48 1.21
N ASP B 175 23.85 -12.61 2.04
CA ASP B 175 24.31 -13.02 3.34
C ASP B 175 23.28 -12.75 4.41
N PHE B 176 22.76 -13.80 5.02
CA PHE B 176 21.70 -13.72 6.02
C PHE B 176 22.24 -13.91 7.45
N SER B 177 23.50 -13.59 7.65
CA SER B 177 24.12 -13.79 8.99
C SER B 177 23.36 -12.96 9.99
N LYS B 178 22.84 -11.78 9.58
CA LYS B 178 22.18 -10.93 10.54
C LYS B 178 20.78 -11.40 10.83
N PHE B 179 20.24 -12.19 9.92
CA PHE B 179 18.82 -12.60 9.97
C PHE B 179 18.60 -14.05 9.69
N PRO B 180 19.21 -14.92 10.48
CA PRO B 180 19.08 -16.37 10.22
C PRO B 180 17.62 -16.83 10.35
N GLU B 181 16.84 -16.09 11.10
CA GLU B 181 15.40 -16.37 11.21
C GLU B 181 14.69 -16.32 9.85
N LEU B 182 15.11 -15.43 8.99
CA LEU B 182 14.43 -15.29 7.71
C LEU B 182 14.86 -16.28 6.68
N LYS B 183 16.07 -16.84 6.86
CA LYS B 183 16.48 -17.98 6.09
C LYS B 183 15.60 -19.16 6.48
N ALA B 184 15.47 -19.41 7.78
CA ALA B 184 14.59 -20.45 8.26
C ALA B 184 13.11 -20.26 7.81
N HIS B 185 12.62 -19.01 7.91
CA HIS B 185 11.28 -18.64 7.35
C HIS B 185 11.16 -18.99 5.86
N ALA B 186 12.13 -18.64 5.05
CA ALA B 186 12.02 -18.89 3.65
C ALA B 186 11.95 -20.41 3.34
N GLU B 187 12.75 -21.20 4.06
CA GLU B 187 12.78 -22.66 3.89
C GLU B 187 11.45 -23.29 4.32
N LYS B 188 10.92 -22.78 5.41
CA LYS B 188 9.66 -23.25 5.97
C LYS B 188 8.52 -23.01 4.99
N ILE B 189 8.42 -21.78 4.52
CA ILE B 189 7.26 -21.45 3.68
C ILE B 189 7.35 -22.20 2.35
N GLN B 190 8.54 -22.22 1.76
CA GLN B 190 8.71 -22.86 0.46
C GLN B 190 8.67 -24.40 0.44
N ALA B 191 8.66 -25.00 1.61
CA ALA B 191 8.43 -26.45 1.81
C ALA B 191 6.95 -26.82 1.96
N ILE B 192 6.08 -25.83 2.19
CA ILE B 192 4.65 -26.12 2.28
C ILE B 192 4.31 -26.82 0.93
N PRO B 193 3.73 -28.00 0.98
CA PRO B 193 3.59 -28.81 -0.26
C PRO B 193 3.07 -28.12 -1.49
N GLN B 194 1.99 -27.38 -1.34
CA GLN B 194 1.38 -26.69 -2.48
C GLN B 194 2.33 -25.70 -3.08
N ILE B 195 3.10 -25.04 -2.22
CA ILE B 195 4.06 -24.03 -2.64
C ILE B 195 5.31 -24.70 -3.27
N LYS B 196 5.87 -25.70 -2.58
CA LYS B 196 6.96 -26.50 -3.15
C LYS B 196 6.58 -27.03 -4.54
N LYS B 197 5.38 -27.57 -4.66
CA LYS B 197 4.90 -28.07 -5.96
C LYS B 197 4.87 -26.97 -7.04
N TRP B 198 4.39 -25.78 -6.66
CA TRP B 198 4.35 -24.66 -7.62
C TRP B 198 5.73 -24.25 -8.06
N ILE B 199 6.63 -24.16 -7.08
CA ILE B 199 8.02 -23.78 -7.35
C ILE B 199 8.69 -24.77 -8.31
N GLU B 200 8.34 -26.04 -8.16
CA GLU B 200 8.89 -27.11 -9.01
C GLU B 200 8.33 -27.08 -10.40
N THR B 201 7.12 -26.54 -10.56
CA THR B 201 6.45 -26.57 -11.85
C THR B 201 6.30 -25.24 -12.58
N ARG B 202 6.40 -24.10 -11.90
CA ARG B 202 6.27 -22.78 -12.56
C ARG B 202 7.30 -22.63 -13.65
N PRO B 203 7.02 -21.76 -14.63
CA PRO B 203 8.02 -21.38 -15.61
C PRO B 203 9.28 -20.78 -14.95
N VAL B 204 10.43 -21.23 -15.44
CA VAL B 204 11.69 -20.74 -14.95
C VAL B 204 11.98 -19.44 -15.67
N THR B 205 12.16 -18.37 -14.89
CA THR B 205 12.45 -17.06 -15.42
C THR B 205 13.51 -16.36 -14.57
N PRO B 206 14.20 -15.37 -15.11
CA PRO B 206 15.26 -14.67 -14.37
C PRO B 206 14.74 -13.80 -13.21
N PHE B 207 13.51 -13.35 -13.34
CA PHE B 207 12.89 -12.56 -12.29
C PHE B 207 11.43 -12.98 -12.13
N1 GSH C . 4.34 4.11 4.57
CA1 GSH C . 4.17 5.10 5.57
C1 GSH C . 2.76 5.26 5.99
O11 GSH C . 2.38 5.37 7.27
O12 GSH C . 1.88 5.40 5.06
CB1 GSH C . 5.16 6.18 5.85
CG1 GSH C . 5.24 6.70 7.29
CD1 GSH C . 6.11 7.93 7.34
OE1 GSH C . 6.88 8.20 6.25
N2 GSH C . 6.17 8.69 8.44
CA2 GSH C . 6.86 9.94 8.47
C2 GSH C . 7.71 9.94 9.71
O2 GSH C . 7.12 9.38 10.82
CB2 GSH C . 5.74 10.97 8.50
SG2 GSH C . 6.45 12.62 8.62
N3 GSH C . 8.90 10.50 9.76
CA3 GSH C . 9.67 10.71 10.99
C3 GSH C . 10.78 9.69 11.09
O31 GSH C . 10.92 8.74 10.08
O32 GSH C . 11.60 9.64 12.11
N1 GSH D . 1.77 -0.02 -7.45
CA1 GSH D . 1.89 -0.89 -8.57
C1 GSH D . 1.53 -2.29 -8.24
O11 GSH D . 0.83 -3.22 -8.98
O12 GSH D . 1.95 -2.77 -7.08
CB1 GSH D . 3.05 -0.74 -9.47
CG1 GSH D . 2.67 -1.32 -10.84
CD1 GSH D . 3.86 -1.25 -11.81
OE1 GSH D . 4.88 -0.45 -11.49
N2 GSH D . 3.85 -1.96 -12.92
CA2 GSH D . 4.97 -2.01 -13.86
C2 GSH D . 4.52 -1.79 -15.27
O2 GSH D . 3.39 -2.42 -15.71
CB2 GSH D . 5.58 -3.38 -13.75
SG2 GSH D . 7.00 -3.49 -14.87
N3 GSH D . 5.24 -1.05 -16.10
CA3 GSH D . 4.95 -0.96 -17.51
C3 GSH D . 4.35 0.35 -17.91
O31 GSH D . 4.09 1.34 -16.96
O32 GSH D . 4.01 0.58 -19.16
#